data_4AWT
#
_entry.id   4AWT
#
_cell.length_a   48.321
_cell.length_b   83.749
_cell.length_c   87.825
_cell.angle_alpha   90.00
_cell.angle_beta   90.00
_cell.angle_gamma   90.00
#
_symmetry.space_group_name_H-M   'P 21 21 21'
#
loop_
_entity.id
_entity.type
_entity.pdbx_description
1 polymer SYE1
2 non-polymer 'FLAVIN MONONUCLEOTIDE'
3 non-polymer 'SULFATE ION'
4 non-polymer 'octyl beta-D-glucopyranoside'
5 non-polymer 'ethyl hydrogen carbonate'
6 non-polymer 2-{2-[2-(2-{2-[2-(2-ETHOXY-ETHOXY)-ETHOXY]-ETHOXY}-ETHOXY)-ETHOXY]-ETHOXY}-ETHANOL
7 water water
#
_entity_poly.entity_id   1
_entity_poly.type   'polypeptide(L)'
_entity_poly.pdbx_seq_one_letter_code
;M(SL5)QSLFQPITLGALTLKNRIVMPPLTRSRASQPGDVANHMMAIYYAQRASAGLIVSEGTQISPTAKGYAWTPGIYT
PEQIAGWRIVTEAVHAKGCAIFAQLWHVGRVTHPDNIDGQQPISSSTLKAENVKVFVDNGSDEPGFVDVAVPRAMTKADI
AQVIADYRQAALNAMEAGFDGIELHAANGYLINQFIDSEANNRSDEYGGSLENRLRFLDEVVAALVDAIGAERVGVRLAP
LTTLNGTVDADPILTYTAAAALLNKHRIVYLHIAEVDWDDAPDTPVSFKRALREAYQGVLIYAGRYNAEKAEQAINDGLA
DMIGFGRPFIANPDLPERLRHGYPLAEHVPATLFGGGEKGLTDYPTYQA
;
_entity_poly.pdbx_strand_id   A
#
# COMPACT_ATOMS: atom_id res chain seq x y z
N GLN A 3 -7.84 24.88 1.06
CA GLN A 3 -7.21 25.47 2.19
C GLN A 3 -6.78 24.41 3.20
N SER A 4 -7.71 23.51 3.57
CA SER A 4 -7.35 22.47 4.53
C SER A 4 -6.33 21.49 3.97
N LEU A 5 -6.40 21.21 2.68
CA LEU A 5 -5.44 20.29 2.06
C LEU A 5 -4.01 20.77 2.24
N PHE A 6 -3.84 22.09 2.33
CA PHE A 6 -2.53 22.71 2.43
C PHE A 6 -2.18 23.13 3.86
N GLN A 7 -2.85 22.53 4.84
CA GLN A 7 -2.47 22.63 6.23
C GLN A 7 -1.51 21.49 6.58
N PRO A 8 -0.51 21.75 7.42
CA PRO A 8 0.38 20.69 7.89
CA PRO A 8 0.37 20.72 7.94
C PRO A 8 -0.38 19.71 8.80
N ILE A 9 0.30 18.64 9.15
CA ILE A 9 -0.26 17.64 10.05
C ILE A 9 0.87 16.90 10.74
N THR A 10 0.65 16.54 12.00
CA THR A 10 1.58 15.70 12.74
C THR A 10 1.33 14.22 12.43
N LEU A 11 2.37 13.49 12.16
CA LEU A 11 2.28 12.04 11.95
C LEU A 11 3.31 11.39 12.90
N GLY A 12 2.85 11.02 14.08
CA GLY A 12 3.79 10.47 15.05
C GLY A 12 4.79 11.52 15.49
N ALA A 13 6.07 11.25 15.32
CA ALA A 13 7.15 12.16 15.59
C ALA A 13 7.41 13.13 14.46
N LEU A 14 6.76 13.05 13.35
CA LEU A 14 6.96 13.87 12.16
C LEU A 14 5.99 15.02 12.08
N THR A 15 6.37 16.13 11.46
CA THR A 15 5.46 17.23 11.15
C THR A 15 5.58 17.14 9.61
C THR A 15 5.39 17.53 9.66
N LEU A 16 4.40 16.99 9.00
CA LEU A 16 4.29 16.96 7.55
C LEU A 16 3.81 18.28 7.01
N LYS A 17 4.22 18.60 5.79
CA LYS A 17 4.02 19.88 5.19
CA LYS A 17 3.99 19.96 5.29
CA LYS A 17 4.05 19.89 5.14
C LYS A 17 2.59 20.18 4.77
N ASN A 18 1.85 19.15 4.38
CA ASN A 18 0.52 19.30 3.86
C ASN A 18 -0.19 17.94 4.02
N ARG A 19 -1.46 17.88 3.57
CA ARG A 19 -2.33 16.75 3.73
CA ARG A 19 -2.21 16.65 3.79
C ARG A 19 -2.32 15.82 2.53
N ILE A 20 -1.42 16.04 1.59
CA ILE A 20 -1.38 15.28 0.34
C ILE A 20 -0.43 14.11 0.49
N VAL A 21 -0.91 12.94 0.08
CA VAL A 21 -0.13 11.72 0.08
C VAL A 21 0.11 11.26 -1.37
N MET A 22 1.36 10.83 -1.63
CA MET A 22 1.64 10.01 -2.79
C MET A 22 1.48 8.58 -2.33
N PRO A 23 0.41 7.90 -2.72
CA PRO A 23 0.14 6.54 -2.22
C PRO A 23 1.05 5.58 -2.97
N PRO A 24 1.05 4.32 -2.53
CA PRO A 24 1.88 3.30 -3.16
CA PRO A 24 1.91 3.32 -3.16
C PRO A 24 1.52 3.12 -4.62
N LEU A 25 2.54 3.12 -5.50
CA LEU A 25 2.33 2.95 -6.94
C LEU A 25 3.44 2.06 -7.49
N THR A 26 3.16 0.79 -7.64
CA THR A 26 4.06 -0.17 -8.30
C THR A 26 4.41 0.34 -9.68
N ARG A 27 5.71 0.44 -9.94
CA ARG A 27 6.23 0.86 -11.24
C ARG A 27 7.07 -0.22 -11.90
N SER A 28 7.44 -1.27 -11.18
CA SER A 28 8.17 -2.39 -11.75
C SER A 28 9.43 -1.92 -12.50
N ARG A 29 10.21 -1.09 -11.83
CA ARG A 29 11.45 -0.53 -12.36
C ARG A 29 12.67 -1.08 -11.64
N ALA A 30 12.55 -2.04 -10.73
CA ALA A 30 13.69 -2.45 -9.94
C ALA A 30 14.74 -3.12 -10.81
N SER A 31 16.00 -2.87 -10.43
CA SER A 31 17.12 -3.41 -11.17
C SER A 31 17.21 -4.92 -11.05
N GLN A 32 17.67 -5.51 -12.15
CA GLN A 32 17.82 -6.93 -12.32
C GLN A 32 19.31 -7.26 -12.52
N PRO A 33 19.84 -8.34 -11.98
CA PRO A 33 19.09 -9.25 -11.15
C PRO A 33 19.01 -8.61 -9.77
N GLY A 34 18.11 -9.12 -8.99
CA GLY A 34 18.08 -8.83 -7.56
C GLY A 34 16.91 -7.99 -7.08
N ASP A 35 16.09 -7.45 -7.99
CA ASP A 35 14.94 -6.65 -7.59
C ASP A 35 15.32 -5.53 -6.67
N VAL A 36 16.28 -4.69 -7.13
CA VAL A 36 16.88 -3.68 -6.30
C VAL A 36 16.39 -2.29 -6.66
N ALA A 37 15.88 -1.55 -5.68
CA ALA A 37 15.53 -0.14 -5.89
C ALA A 37 16.81 0.61 -6.36
N ASN A 38 16.60 1.62 -7.22
CA ASN A 38 17.71 2.15 -7.99
C ASN A 38 17.64 3.66 -8.25
C ASN A 38 17.62 3.67 -7.98
N HIS A 39 18.55 4.14 -9.15
N HIS A 39 18.74 4.30 -8.37
CA HIS A 39 18.71 5.54 -9.33
CA HIS A 39 18.87 5.77 -8.38
C HIS A 39 17.50 6.21 -9.93
C HIS A 39 17.79 6.41 -9.19
N MET A 40 16.91 5.62 -10.94
N MET A 40 17.41 5.73 -10.25
CA MET A 40 15.74 6.26 -11.58
CA MET A 40 16.34 6.27 -11.08
C MET A 40 14.59 6.32 -10.56
C MET A 40 15.02 6.37 -10.33
N MET A 41 14.53 5.31 -9.66
CA MET A 41 13.48 5.38 -8.67
C MET A 41 13.72 6.50 -7.67
N ALA A 42 14.98 6.69 -7.22
CA ALA A 42 15.28 7.77 -6.31
C ALA A 42 14.92 9.14 -6.90
N ILE A 43 15.28 9.33 -8.18
CA ILE A 43 14.90 10.59 -8.85
CA ILE A 43 14.90 10.59 -8.86
C ILE A 43 13.39 10.74 -8.89
N TYR A 44 12.70 9.68 -9.30
CA TYR A 44 11.24 9.66 -9.42
C TYR A 44 10.57 10.08 -8.12
N TYR A 45 10.98 9.46 -6.98
CA TYR A 45 10.36 9.79 -5.72
C TYR A 45 10.74 11.21 -5.30
N ALA A 46 12.00 11.60 -5.49
CA ALA A 46 12.42 12.94 -5.08
C ALA A 46 11.69 14.02 -5.87
N GLN A 47 11.37 13.75 -7.12
CA GLN A 47 10.56 14.68 -7.93
C GLN A 47 9.20 14.95 -7.33
N ARG A 48 8.70 14.03 -6.51
CA ARG A 48 7.34 14.07 -5.97
C ARG A 48 7.31 14.42 -4.49
N ALA A 49 8.44 14.87 -3.96
CA ALA A 49 8.62 15.09 -2.52
C ALA A 49 8.00 16.37 -2.03
N SER A 50 7.23 17.10 -2.84
CA SER A 50 6.37 18.14 -2.32
C SER A 50 5.10 17.57 -1.70
N ALA A 51 4.83 16.27 -1.88
CA ALA A 51 3.82 15.61 -1.08
C ALA A 51 4.12 15.82 0.40
N GLY A 52 3.07 15.76 1.21
CA GLY A 52 3.28 15.70 2.65
C GLY A 52 3.90 14.38 3.11
N LEU A 53 3.45 13.29 2.49
CA LEU A 53 3.93 11.95 2.78
C LEU A 53 4.01 11.18 1.47
N ILE A 54 5.11 10.46 1.27
CA ILE A 54 5.23 9.46 0.24
C ILE A 54 5.12 8.09 0.89
N VAL A 55 4.32 7.21 0.31
CA VAL A 55 4.33 5.80 0.64
C VAL A 55 4.91 5.10 -0.57
N SER A 56 5.96 4.31 -0.36
CA SER A 56 6.56 3.59 -1.46
C SER A 56 5.56 2.65 -2.11
N GLU A 57 5.84 2.34 -3.38
CA GLU A 57 5.27 1.17 -4.00
CA GLU A 57 5.28 1.17 -4.01
C GLU A 57 5.46 -0.06 -3.11
N GLY A 58 4.58 -1.03 -3.28
CA GLY A 58 4.74 -2.26 -2.51
C GLY A 58 6.13 -2.84 -2.72
N THR A 59 6.71 -3.29 -1.61
CA THR A 59 8.05 -3.86 -1.65
C THR A 59 7.98 -5.20 -0.91
N GLN A 60 8.28 -6.26 -1.64
CA GLN A 60 8.05 -7.62 -1.12
C GLN A 60 9.01 -7.93 0.01
N ILE A 61 8.47 -8.63 1.02
CA ILE A 61 9.18 -8.97 2.23
C ILE A 61 10.02 -10.23 2.11
N SER A 62 9.90 -10.96 1.02
CA SER A 62 10.61 -12.22 0.84
C SER A 62 10.49 -12.61 -0.62
N PRO A 63 11.22 -13.62 -1.06
CA PRO A 63 11.08 -14.06 -2.44
C PRO A 63 9.70 -14.53 -2.83
N THR A 64 8.96 -15.13 -1.89
CA THR A 64 7.66 -15.71 -2.20
C THR A 64 6.48 -14.77 -1.90
N ALA A 65 6.84 -13.51 -1.57
CA ALA A 65 5.88 -12.47 -1.29
C ALA A 65 5.57 -11.60 -2.55
N LYS A 66 6.29 -11.81 -3.63
CA LYS A 66 6.25 -11.02 -4.86
C LYS A 66 5.12 -11.46 -5.78
N GLY A 67 4.42 -10.48 -6.37
CA GLY A 67 3.34 -10.73 -7.29
C GLY A 67 3.55 -10.38 -8.73
N TYR A 68 4.48 -9.46 -8.99
CA TYR A 68 4.63 -8.82 -10.27
C TYR A 68 6.09 -8.73 -10.61
N ALA A 69 6.40 -8.80 -11.91
CA ALA A 69 7.79 -8.72 -12.32
C ALA A 69 8.39 -7.39 -11.88
N TRP A 70 9.66 -7.46 -11.48
CA TRP A 70 10.55 -6.30 -11.35
C TRP A 70 10.13 -5.35 -10.24
N THR A 71 9.37 -5.81 -9.25
CA THR A 71 9.09 -4.98 -8.09
C THR A 71 10.25 -5.06 -7.12
N PRO A 72 10.57 -3.97 -6.42
CA PRO A 72 11.72 -3.95 -5.54
C PRO A 72 11.45 -4.70 -4.27
N GLY A 73 12.43 -5.47 -3.78
CA GLY A 73 12.31 -6.12 -2.51
C GLY A 73 12.88 -5.30 -1.38
N ILE A 74 12.69 -5.82 -0.14
CA ILE A 74 13.23 -5.18 1.05
C ILE A 74 13.82 -6.22 2.00
N TYR A 75 14.36 -7.31 1.46
CA TYR A 75 14.89 -8.39 2.28
C TYR A 75 16.38 -8.65 2.08
N THR A 76 17.05 -8.20 1.06
CA THR A 76 18.49 -8.41 0.93
C THR A 76 19.26 -7.15 1.28
N PRO A 77 20.52 -7.29 1.64
CA PRO A 77 21.32 -6.10 1.94
C PRO A 77 21.35 -5.10 0.77
N GLU A 78 21.47 -5.61 -0.44
CA GLU A 78 21.55 -4.68 -1.59
CA GLU A 78 21.51 -4.74 -1.60
C GLU A 78 20.19 -3.99 -1.78
N GLN A 79 19.08 -4.69 -1.55
CA GLN A 79 17.77 -4.06 -1.63
C GLN A 79 17.63 -2.94 -0.63
N ILE A 80 18.11 -3.17 0.60
CA ILE A 80 18.06 -2.14 1.64
C ILE A 80 18.86 -0.93 1.18
N ALA A 81 20.04 -1.17 0.61
CA ALA A 81 20.89 -0.07 0.17
C ALA A 81 20.28 0.67 -0.99
N GLY A 82 19.62 -0.04 -1.91
CA GLY A 82 18.93 0.68 -2.99
C GLY A 82 17.86 1.57 -2.46
N TRP A 83 17.09 1.09 -1.49
CA TRP A 83 16.10 1.93 -0.84
C TRP A 83 16.73 3.10 -0.11
N ARG A 84 17.91 2.91 0.48
CA ARG A 84 18.56 4.02 1.16
C ARG A 84 18.84 5.16 0.20
N ILE A 85 19.21 4.87 -1.04
CA ILE A 85 19.42 5.90 -2.06
CA ILE A 85 19.44 6.01 -1.94
C ILE A 85 18.13 6.74 -2.18
N VAL A 86 17.02 6.01 -2.30
CA VAL A 86 15.70 6.66 -2.43
C VAL A 86 15.41 7.51 -1.23
N THR A 87 15.52 6.98 -0.03
CA THR A 87 15.15 7.75 1.15
C THR A 87 16.08 8.93 1.33
N GLU A 88 17.36 8.79 1.02
CA GLU A 88 18.26 9.95 1.08
C GLU A 88 17.79 11.05 0.14
N ALA A 89 17.42 10.66 -1.08
CA ALA A 89 17.00 11.66 -2.05
C ALA A 89 15.73 12.37 -1.60
N VAL A 90 14.77 11.61 -1.11
CA VAL A 90 13.51 12.17 -0.65
C VAL A 90 13.72 13.08 0.58
N HIS A 91 14.53 12.62 1.52
CA HIS A 91 14.77 13.43 2.71
C HIS A 91 15.54 14.70 2.36
N ALA A 92 16.36 14.69 1.35
CA ALA A 92 17.06 15.91 0.93
C ALA A 92 16.07 16.98 0.45
N LYS A 93 14.88 16.55 0.02
CA LYS A 93 13.82 17.46 -0.36
CA LYS A 93 13.85 17.50 -0.40
C LYS A 93 12.92 17.87 0.76
N GLY A 94 13.08 17.38 1.97
N GLY A 94 13.02 17.17 1.85
CA GLY A 94 12.10 17.74 3.00
CA GLY A 94 12.30 17.60 3.04
C GLY A 94 10.82 16.95 2.79
C GLY A 94 10.99 16.92 3.35
N CYS A 95 10.77 15.70 3.16
N CYS A 95 10.76 15.77 2.76
CA CYS A 95 9.56 14.94 2.90
C CYS A 95 9.73 13.71 3.76
N ALA A 96 8.64 13.11 4.16
CA ALA A 96 8.60 11.84 4.89
C ALA A 96 8.25 10.72 3.93
N ILE A 97 8.83 9.54 4.17
CA ILE A 97 8.56 8.41 3.29
C ILE A 97 8.43 7.13 4.12
N PHE A 98 7.35 6.40 3.86
CA PHE A 98 7.09 5.11 4.47
C PHE A 98 7.26 4.02 3.43
N ALA A 99 7.73 2.84 3.83
CA ALA A 99 7.85 1.69 2.95
C ALA A 99 6.60 0.84 3.04
N GLN A 100 5.97 0.52 1.91
CA GLN A 100 4.81 -0.36 1.93
C GLN A 100 5.26 -1.82 1.89
N LEU A 101 5.16 -2.52 3.04
CA LEU A 101 5.59 -3.91 3.12
C LEU A 101 4.53 -4.81 2.50
N TRP A 102 4.96 -5.64 1.56
CA TRP A 102 4.04 -6.36 0.69
C TRP A 102 4.22 -7.88 0.80
N HIS A 103 3.10 -8.57 0.93
CA HIS A 103 3.01 -10.01 0.62
C HIS A 103 1.72 -10.18 -0.16
N VAL A 104 1.86 -10.65 -1.40
CA VAL A 104 0.73 -10.77 -2.29
C VAL A 104 -0.13 -12.01 -2.08
N GLY A 105 0.34 -12.99 -1.35
CA GLY A 105 -0.36 -14.24 -1.17
C GLY A 105 -0.62 -14.87 -2.49
N ARG A 106 -1.90 -15.18 -2.78
CA ARG A 106 -2.27 -15.91 -3.97
C ARG A 106 -2.28 -15.07 -5.23
N VAL A 107 -2.07 -13.75 -5.13
CA VAL A 107 -2.11 -12.90 -6.33
C VAL A 107 -0.71 -12.82 -6.91
N THR A 108 -0.31 -13.92 -7.53
CA THR A 108 1.00 -14.08 -8.13
C THR A 108 0.94 -15.28 -9.07
N HIS A 109 2.09 -15.53 -9.65
CA HIS A 109 2.33 -16.64 -10.56
C HIS A 109 3.64 -17.26 -10.14
N PRO A 110 3.81 -18.58 -10.24
CA PRO A 110 5.08 -19.21 -9.90
CA PRO A 110 5.10 -19.15 -9.81
C PRO A 110 6.31 -18.55 -10.50
N ASP A 111 6.29 -18.05 -11.65
CA ASP A 111 7.37 -17.41 -12.34
C ASP A 111 7.89 -16.22 -11.52
N ASN A 112 7.08 -15.60 -10.69
CA ASN A 112 7.54 -14.49 -9.87
C ASN A 112 8.05 -14.88 -8.52
N ILE A 113 7.89 -16.15 -8.14
CA ILE A 113 8.24 -16.62 -6.82
C ILE A 113 9.06 -17.90 -6.89
N ASP A 114 10.02 -17.87 -7.80
CA ASP A 114 11.07 -18.94 -7.84
C ASP A 114 10.43 -20.29 -8.11
N GLY A 115 9.33 -20.32 -8.83
CA GLY A 115 8.66 -21.57 -9.19
C GLY A 115 7.77 -22.15 -8.10
N GLN A 116 7.71 -21.49 -6.97
CA GLN A 116 6.93 -21.97 -5.84
CA GLN A 116 6.92 -22.02 -5.86
C GLN A 116 5.45 -21.80 -6.12
N GLN A 117 4.62 -22.64 -5.45
CA GLN A 117 3.21 -22.44 -5.45
C GLN A 117 2.90 -21.27 -4.53
N PRO A 118 1.95 -20.39 -4.94
CA PRO A 118 1.57 -19.30 -4.05
C PRO A 118 0.92 -19.80 -2.76
N ILE A 119 0.93 -18.97 -1.73
CA ILE A 119 0.29 -19.28 -0.47
C ILE A 119 -0.87 -18.34 -0.23
N SER A 120 -1.83 -18.83 0.58
CA SER A 120 -3.00 -18.02 0.95
C SER A 120 -3.55 -18.53 2.25
N SER A 121 -4.66 -17.92 2.68
CA SER A 121 -5.42 -18.47 3.81
C SER A 121 -5.92 -19.88 3.45
N SER A 122 -6.38 -20.04 2.24
CA SER A 122 -7.03 -21.30 1.84
CA SER A 122 -7.09 -21.17 1.73
C SER A 122 -6.55 -21.63 0.42
N THR A 123 -7.14 -22.64 -0.19
CA THR A 123 -6.76 -23.08 -1.53
C THR A 123 -7.61 -22.46 -2.62
N LEU A 124 -8.18 -21.29 -2.42
CA LEU A 124 -9.07 -20.63 -3.36
C LEU A 124 -8.23 -19.78 -4.28
N LYS A 125 -8.33 -20.01 -5.58
CA LYS A 125 -7.77 -19.11 -6.58
C LYS A 125 -8.53 -17.81 -6.62
N ALA A 126 -7.76 -16.71 -6.80
CA ALA A 126 -8.42 -15.41 -7.05
C ALA A 126 -9.06 -15.46 -8.44
N GLU A 127 -10.36 -15.21 -8.52
CA GLU A 127 -11.06 -15.35 -9.78
C GLU A 127 -10.96 -14.09 -10.61
N ASN A 128 -10.73 -14.25 -11.88
CA ASN A 128 -10.68 -13.14 -12.84
C ASN A 128 -9.61 -12.12 -12.49
N VAL A 129 -8.42 -12.65 -12.15
CA VAL A 129 -7.27 -11.83 -11.78
C VAL A 129 -6.09 -12.24 -12.59
N LYS A 130 -5.34 -11.23 -13.04
CA LYS A 130 -4.07 -11.44 -13.74
C LYS A 130 -2.97 -10.65 -12.99
N VAL A 131 -1.78 -11.18 -13.08
CA VAL A 131 -0.54 -10.50 -12.74
C VAL A 131 0.31 -10.42 -13.99
N PHE A 132 1.57 -9.97 -13.85
CA PHE A 132 2.44 -10.00 -15.00
C PHE A 132 3.80 -10.56 -14.54
N VAL A 133 4.47 -11.15 -15.52
CA VAL A 133 5.75 -11.82 -15.34
C VAL A 133 6.71 -11.32 -16.36
N ASP A 134 7.98 -11.58 -16.12
CA ASP A 134 9.06 -11.36 -17.12
C ASP A 134 9.09 -12.51 -18.07
N ASN A 135 8.82 -12.22 -19.32
CA ASN A 135 8.80 -13.30 -20.30
C ASN A 135 10.09 -13.20 -21.13
N GLY A 136 11.11 -12.45 -20.72
CA GLY A 136 12.35 -12.28 -21.44
C GLY A 136 12.38 -11.07 -22.32
N SER A 137 11.19 -10.57 -22.60
CA SER A 137 11.05 -9.35 -23.36
C SER A 137 11.15 -8.18 -22.39
N ASP A 138 11.15 -6.99 -22.99
CA ASP A 138 11.11 -5.85 -22.06
C ASP A 138 9.69 -5.41 -21.71
N GLU A 139 8.62 -6.08 -22.16
CA GLU A 139 7.31 -5.66 -21.69
CA GLU A 139 7.27 -5.67 -21.73
C GLU A 139 6.71 -6.72 -20.74
N PRO A 140 5.95 -6.29 -19.75
CA PRO A 140 5.33 -7.26 -18.87
C PRO A 140 4.48 -8.22 -19.65
N GLY A 141 4.50 -9.48 -19.21
CA GLY A 141 3.68 -10.53 -19.80
C GLY A 141 2.51 -10.80 -18.82
N PHE A 142 1.27 -10.50 -19.18
CA PHE A 142 0.13 -10.70 -18.31
C PHE A 142 -0.27 -12.18 -18.31
N VAL A 143 -0.52 -12.74 -17.14
CA VAL A 143 -0.80 -14.13 -16.94
C VAL A 143 -1.87 -14.30 -15.86
N ASP A 144 -2.62 -15.39 -15.94
CA ASP A 144 -3.56 -15.73 -14.89
CA ASP A 144 -3.55 -15.76 -14.91
C ASP A 144 -2.82 -16.13 -13.63
N VAL A 145 -3.36 -15.81 -12.48
CA VAL A 145 -2.80 -16.24 -11.23
C VAL A 145 -2.94 -17.75 -11.09
N ALA A 146 -2.16 -18.30 -10.18
CA ALA A 146 -2.14 -19.70 -9.85
C ALA A 146 -3.00 -20.06 -8.66
N VAL A 147 -3.35 -21.34 -8.50
CA VAL A 147 -4.05 -21.82 -7.35
C VAL A 147 -3.15 -21.91 -6.14
N PRO A 148 -3.47 -21.31 -5.02
CA PRO A 148 -2.54 -21.33 -3.91
C PRO A 148 -2.70 -22.59 -3.04
N ARG A 149 -1.71 -22.78 -2.19
CA ARG A 149 -1.82 -23.73 -1.08
C ARG A 149 -2.15 -22.97 0.20
N ALA A 150 -2.85 -23.61 1.12
CA ALA A 150 -3.21 -23.00 2.38
C ALA A 150 -2.04 -22.92 3.33
N MET A 151 -1.83 -21.81 3.97
CA MET A 151 -0.74 -21.66 4.91
C MET A 151 -0.93 -22.59 6.09
N THR A 152 0.20 -23.18 6.54
CA THR A 152 0.23 -23.86 7.82
C THR A 152 0.55 -22.89 8.94
N LYS A 153 0.44 -23.36 10.17
CA LYS A 153 0.88 -22.60 11.32
CA LYS A 153 0.87 -22.56 11.30
C LYS A 153 2.31 -22.14 11.17
N ALA A 154 3.16 -23.02 10.70
CA ALA A 154 4.58 -22.65 10.54
C ALA A 154 4.72 -21.58 9.47
N ASP A 155 3.95 -21.65 8.40
CA ASP A 155 3.99 -20.62 7.36
C ASP A 155 3.57 -19.29 7.95
N ILE A 156 2.55 -19.28 8.78
CA ILE A 156 2.12 -18.05 9.47
C ILE A 156 3.25 -17.47 10.27
N ALA A 157 3.94 -18.31 11.07
CA ALA A 157 5.04 -17.82 11.85
C ALA A 157 6.13 -17.26 10.95
N GLN A 158 6.41 -17.93 9.85
CA GLN A 158 7.46 -17.46 8.95
C GLN A 158 7.12 -16.09 8.37
N VAL A 159 5.86 -15.95 7.90
CA VAL A 159 5.48 -14.67 7.29
C VAL A 159 5.49 -13.57 8.31
N ILE A 160 5.05 -13.83 9.54
CA ILE A 160 5.14 -12.81 10.59
C ILE A 160 6.62 -12.40 10.78
N ALA A 161 7.51 -13.41 10.85
CA ALA A 161 8.93 -13.12 11.03
C ALA A 161 9.47 -12.30 9.85
N ASP A 162 9.02 -12.61 8.65
CA ASP A 162 9.45 -11.88 7.47
C ASP A 162 8.96 -10.41 7.52
N TYR A 163 7.71 -10.21 7.95
CA TYR A 163 7.24 -8.85 8.11
C TYR A 163 8.03 -8.09 9.14
N ARG A 164 8.28 -8.73 10.28
CA ARG A 164 9.00 -8.09 11.37
CA ARG A 164 9.00 -8.08 11.37
C ARG A 164 10.38 -7.65 10.90
N GLN A 165 11.07 -8.57 10.24
CA GLN A 165 12.40 -8.23 9.77
C GLN A 165 12.36 -7.17 8.68
N ALA A 166 11.36 -7.21 7.82
CA ALA A 166 11.22 -6.22 6.77
C ALA A 166 11.05 -4.82 7.35
N ALA A 167 10.33 -4.72 8.50
CA ALA A 167 10.19 -3.44 9.15
C ALA A 167 11.53 -2.92 9.64
N LEU A 168 12.35 -3.80 10.26
CA LEU A 168 13.68 -3.41 10.68
C LEU A 168 14.51 -3.01 9.46
N ASN A 169 14.39 -3.76 8.37
CA ASN A 169 15.14 -3.45 7.15
C ASN A 169 14.74 -2.06 6.62
N ALA A 170 13.45 -1.75 6.69
CA ALA A 170 13.00 -0.44 6.24
C ALA A 170 13.63 0.67 7.08
N MET A 171 13.76 0.46 8.39
CA MET A 171 14.41 1.44 9.23
C MET A 171 15.89 1.55 8.86
N GLU A 172 16.54 0.44 8.58
CA GLU A 172 17.94 0.47 8.17
C GLU A 172 18.11 1.21 6.86
N ALA A 173 17.11 1.14 5.97
CA ALA A 173 17.09 1.84 4.71
C ALA A 173 16.73 3.32 4.85
N GLY A 174 16.45 3.78 6.05
CA GLY A 174 16.17 5.19 6.29
C GLY A 174 14.73 5.61 6.07
N PHE A 175 13.81 4.67 5.93
CA PHE A 175 12.41 5.06 5.91
C PHE A 175 11.99 5.62 7.25
N ASP A 176 10.98 6.50 7.22
CA ASP A 176 10.41 7.04 8.42
C ASP A 176 9.41 6.13 9.08
N GLY A 177 8.94 5.14 8.39
CA GLY A 177 7.94 4.21 8.87
C GLY A 177 7.63 3.19 7.81
N ILE A 178 6.68 2.31 8.12
CA ILE A 178 6.20 1.33 7.18
C ILE A 178 4.68 1.41 7.09
N GLU A 179 4.17 1.00 5.94
CA GLU A 179 2.75 0.77 5.74
C GLU A 179 2.57 -0.69 5.47
N LEU A 180 1.72 -1.35 6.28
CA LEU A 180 1.38 -2.74 6.01
C LEU A 180 0.31 -2.79 4.93
N HIS A 181 0.62 -3.45 3.80
CA HIS A 181 -0.39 -3.61 2.75
C HIS A 181 -1.32 -4.75 3.18
N ALA A 182 -2.47 -4.42 3.73
CA ALA A 182 -3.48 -5.36 4.10
C ALA A 182 -4.74 -5.18 3.26
N ALA A 183 -4.55 -4.68 2.05
CA ALA A 183 -5.59 -4.25 1.14
C ALA A 183 -5.48 -4.99 -0.19
N ASN A 184 -6.35 -4.57 -1.10
CA ASN A 184 -6.42 -4.87 -2.52
C ASN A 184 -6.18 -6.35 -2.81
N GLY A 185 -6.76 -7.22 -1.99
CA GLY A 185 -6.81 -8.62 -2.29
C GLY A 185 -5.55 -9.40 -1.99
N TYR A 186 -4.57 -8.81 -1.32
CA TYR A 186 -3.29 -9.46 -1.05
C TYR A 186 -3.38 -10.32 0.19
N LEU A 187 -2.22 -10.84 0.69
CA LEU A 187 -2.27 -11.95 1.62
C LEU A 187 -3.13 -11.68 2.84
N ILE A 188 -2.87 -10.58 3.53
CA ILE A 188 -3.63 -10.35 4.77
C ILE A 188 -5.12 -10.21 4.44
N ASN A 189 -5.42 -9.54 3.34
CA ASN A 189 -6.80 -9.39 2.91
C ASN A 189 -7.46 -10.72 2.59
N GLN A 190 -6.69 -11.72 2.15
CA GLN A 190 -7.18 -13.06 1.91
C GLN A 190 -7.59 -13.78 3.22
N PHE A 191 -7.08 -13.33 4.35
CA PHE A 191 -7.57 -13.78 5.65
C PHE A 191 -8.77 -12.99 6.14
N ILE A 192 -8.74 -11.66 5.95
CA ILE A 192 -9.80 -10.80 6.50
C ILE A 192 -11.15 -11.11 5.90
N ASP A 193 -11.21 -11.21 4.58
CA ASP A 193 -12.48 -11.24 3.86
C ASP A 193 -13.06 -12.64 3.85
N SER A 194 -14.32 -12.74 4.29
CA SER A 194 -14.92 -14.04 4.56
C SER A 194 -14.92 -14.94 3.36
N GLU A 195 -15.15 -14.44 2.13
CA GLU A 195 -15.32 -15.33 1.02
C GLU A 195 -13.94 -15.83 0.48
N ALA A 196 -12.87 -15.28 0.97
CA ALA A 196 -11.54 -15.72 0.59
C ALA A 196 -10.91 -16.67 1.61
N ASN A 197 -11.57 -16.88 2.74
CA ASN A 197 -11.01 -17.57 3.87
C ASN A 197 -11.98 -18.71 4.25
N ASN A 198 -11.53 -19.96 3.94
CA ASN A 198 -12.26 -21.15 4.33
CA ASN A 198 -12.37 -21.07 4.40
C ASN A 198 -11.62 -21.92 5.45
N ARG A 199 -10.72 -21.36 6.19
CA ARG A 199 -10.01 -22.03 7.25
C ARG A 199 -10.93 -22.45 8.35
N SER A 200 -10.58 -23.56 8.94
CA SER A 200 -11.32 -24.08 10.08
C SER A 200 -10.56 -23.98 11.41
N ASP A 201 -9.34 -23.42 11.38
CA ASP A 201 -8.54 -23.20 12.58
C ASP A 201 -8.82 -21.82 13.10
N GLU A 202 -7.96 -21.36 14.00
CA GLU A 202 -8.18 -20.08 14.68
CA GLU A 202 -8.21 -20.08 14.67
C GLU A 202 -7.98 -18.88 13.75
N TYR A 203 -7.60 -19.08 12.50
CA TYR A 203 -7.43 -17.98 11.55
C TYR A 203 -8.58 -17.90 10.56
N GLY A 204 -9.68 -18.65 10.75
CA GLY A 204 -10.84 -18.43 9.92
C GLY A 204 -12.12 -18.76 10.67
N GLY A 205 -13.29 -18.56 10.09
N GLY A 205 -13.16 -18.41 9.95
CA GLY A 205 -14.48 -19.06 10.74
CA GLY A 205 -14.56 -18.44 10.27
C GLY A 205 -15.25 -18.22 11.73
C GLY A 205 -15.05 -17.17 10.93
N SER A 206 -14.79 -17.03 12.07
N SER A 206 -14.88 -17.18 12.24
CA SER A 206 -15.41 -16.00 12.92
C SER A 206 -14.69 -14.71 12.58
N LEU A 207 -15.31 -13.62 12.90
CA LEU A 207 -14.67 -12.31 12.67
C LEU A 207 -13.38 -12.19 13.45
N GLU A 208 -13.39 -12.54 14.72
CA GLU A 208 -12.17 -12.49 15.52
CA GLU A 208 -12.13 -12.39 15.47
C GLU A 208 -11.08 -13.31 14.86
N ASN A 209 -11.42 -14.50 14.38
CA ASN A 209 -10.42 -15.37 13.77
C ASN A 209 -9.91 -14.78 12.47
N ARG A 210 -10.80 -14.20 11.66
CA ARG A 210 -10.36 -13.64 10.37
CA ARG A 210 -10.37 -13.65 10.37
C ARG A 210 -9.47 -12.43 10.60
N LEU A 211 -9.60 -11.71 11.68
CA LEU A 211 -8.73 -10.57 11.97
C LEU A 211 -7.46 -10.97 12.67
N ARG A 212 -7.29 -12.24 13.03
CA ARG A 212 -6.17 -12.66 13.88
C ARG A 212 -4.84 -12.49 13.18
N PHE A 213 -4.72 -12.86 11.91
CA PHE A 213 -3.45 -12.73 11.22
C PHE A 213 -3.04 -11.26 11.15
N LEU A 214 -3.99 -10.37 10.79
CA LEU A 214 -3.73 -8.94 10.83
C LEU A 214 -3.23 -8.52 12.20
N ASP A 215 -3.94 -8.94 13.27
CA ASP A 215 -3.58 -8.58 14.61
C ASP A 215 -2.14 -8.96 14.93
N GLU A 216 -1.79 -10.22 14.60
CA GLU A 216 -0.49 -10.74 14.94
C GLU A 216 0.63 -10.10 14.13
N VAL A 217 0.39 -9.83 12.85
CA VAL A 217 1.37 -9.12 12.03
C VAL A 217 1.59 -7.72 12.58
N VAL A 218 0.49 -6.99 12.85
CA VAL A 218 0.62 -5.63 13.39
C VAL A 218 1.35 -5.65 14.72
N ALA A 219 1.03 -6.62 15.58
CA ALA A 219 1.73 -6.66 16.86
C ALA A 219 3.22 -6.79 16.67
N ALA A 220 3.65 -7.63 15.73
CA ALA A 220 5.05 -7.82 15.49
C ALA A 220 5.71 -6.57 14.91
N LEU A 221 5.01 -5.88 13.99
CA LEU A 221 5.53 -4.64 13.42
C LEU A 221 5.72 -3.59 14.46
N VAL A 222 4.69 -3.41 15.33
CA VAL A 222 4.79 -2.44 16.39
C VAL A 222 5.90 -2.80 17.34
N ASP A 223 6.00 -4.10 17.69
CA ASP A 223 7.12 -4.47 18.60
C ASP A 223 8.46 -4.16 18.00
N ALA A 224 8.60 -4.31 16.69
CA ALA A 224 9.88 -4.09 16.05
C ALA A 224 10.26 -2.62 16.00
N ILE A 225 9.34 -1.74 15.56
CA ILE A 225 9.71 -0.37 15.22
C ILE A 225 8.91 0.69 15.88
N GLY A 226 7.88 0.35 16.65
CA GLY A 226 7.08 1.33 17.35
C GLY A 226 5.81 1.69 16.59
N ALA A 227 4.71 1.85 17.33
CA ALA A 227 3.42 2.13 16.70
C ALA A 227 3.42 3.43 15.94
N GLU A 228 4.21 4.41 16.36
CA GLU A 228 4.27 5.70 15.70
CA GLU A 228 4.27 5.69 15.69
C GLU A 228 4.89 5.61 14.31
N ARG A 229 5.47 4.48 13.96
CA ARG A 229 6.09 4.24 12.66
C ARG A 229 5.36 3.19 11.84
N VAL A 230 4.14 2.80 12.24
CA VAL A 230 3.39 1.76 11.56
C VAL A 230 2.06 2.32 11.09
N GLY A 231 1.84 2.28 9.77
CA GLY A 231 0.52 2.52 9.18
C GLY A 231 0.02 1.22 8.58
N VAL A 232 -1.28 1.16 8.30
CA VAL A 232 -1.88 -0.01 7.70
C VAL A 232 -2.83 0.44 6.59
N ARG A 233 -2.85 -0.29 5.48
CA ARG A 233 -3.77 -0.05 4.38
C ARG A 233 -4.81 -1.16 4.33
N LEU A 234 -6.08 -0.75 4.23
CA LEU A 234 -7.23 -1.64 4.12
C LEU A 234 -8.08 -1.26 2.90
N ALA A 235 -8.83 -2.23 2.39
CA ALA A 235 -9.75 -2.04 1.28
C ALA A 235 -11.08 -2.67 1.63
N PRO A 236 -11.95 -1.97 2.36
CA PRO A 236 -13.18 -2.61 2.83
C PRO A 236 -14.11 -3.07 1.73
N LEU A 237 -14.24 -2.31 0.64
CA LEU A 237 -15.33 -2.51 -0.26
C LEU A 237 -14.91 -2.87 -1.69
N THR A 238 -13.71 -2.59 -2.11
CA THR A 238 -13.25 -3.04 -3.41
C THR A 238 -13.00 -4.56 -3.37
N THR A 239 -13.15 -5.16 -4.53
CA THR A 239 -13.12 -6.62 -4.70
C THR A 239 -12.37 -7.03 -5.94
N LEU A 240 -11.71 -6.10 -6.64
CA LEU A 240 -11.15 -6.36 -7.93
C LEU A 240 -10.21 -7.55 -7.96
N ASN A 241 -9.34 -7.67 -6.96
CA ASN A 241 -8.36 -8.75 -6.94
C ASN A 241 -8.85 -10.01 -6.26
N GLY A 242 -10.15 -10.12 -6.04
CA GLY A 242 -10.76 -11.37 -5.73
C GLY A 242 -11.18 -11.62 -4.32
N THR A 243 -11.03 -10.67 -3.41
CA THR A 243 -11.45 -10.81 -2.05
C THR A 243 -12.75 -10.06 -1.81
N VAL A 244 -13.75 -10.81 -1.32
CA VAL A 244 -15.07 -10.30 -0.99
C VAL A 244 -15.37 -10.65 0.46
N ASP A 245 -15.86 -9.71 1.25
CA ASP A 245 -16.32 -9.98 2.58
C ASP A 245 -17.85 -9.90 2.62
N ALA A 246 -18.50 -10.73 3.34
CA ALA A 246 -19.97 -10.80 3.41
C ALA A 246 -20.55 -9.64 4.20
N ASP A 247 -19.88 -9.09 5.19
CA ASP A 247 -20.40 -8.04 6.04
C ASP A 247 -19.27 -7.01 6.27
N PRO A 248 -18.94 -6.30 5.21
CA PRO A 248 -17.71 -5.48 5.32
C PRO A 248 -17.86 -4.34 6.28
N ILE A 249 -19.05 -3.78 6.51
CA ILE A 249 -19.08 -2.70 7.49
CA ILE A 249 -19.13 -2.73 7.51
C ILE A 249 -18.74 -3.24 8.86
N LEU A 250 -19.22 -4.44 9.24
CA LEU A 250 -18.85 -5.01 10.53
C LEU A 250 -17.36 -5.34 10.53
N THR A 251 -16.93 -6.07 9.50
CA THR A 251 -15.54 -6.56 9.49
C THR A 251 -14.56 -5.40 9.60
N TYR A 252 -14.79 -4.35 8.80
CA TYR A 252 -13.82 -3.28 8.67
C TYR A 252 -13.95 -2.24 9.76
N THR A 253 -15.14 -2.04 10.35
CA THR A 253 -15.24 -1.24 11.57
CA THR A 253 -15.15 -1.20 11.55
C THR A 253 -14.47 -1.95 12.67
N ALA A 254 -14.65 -3.28 12.77
CA ALA A 254 -13.91 -4.07 13.77
C ALA A 254 -12.42 -4.00 13.52
N ALA A 255 -12.01 -4.10 12.26
CA ALA A 255 -10.57 -4.00 11.94
C ALA A 255 -10.03 -2.65 12.34
N ALA A 256 -10.77 -1.59 12.06
CA ALA A 256 -10.34 -0.26 12.43
C ALA A 256 -10.17 -0.13 13.93
N ALA A 257 -11.13 -0.69 14.73
CA ALA A 257 -11.03 -0.63 16.16
C ALA A 257 -9.86 -1.48 16.68
N LEU A 258 -9.59 -2.61 16.05
CA LEU A 258 -8.44 -3.42 16.41
CA LEU A 258 -8.44 -3.41 16.46
C LEU A 258 -7.15 -2.64 16.21
N LEU A 259 -7.06 -1.99 15.05
CA LEU A 259 -5.86 -1.23 14.75
C LEU A 259 -5.70 -0.02 15.66
N ASN A 260 -6.86 0.57 16.05
CA ASN A 260 -6.84 1.64 17.03
C ASN A 260 -6.21 1.17 18.34
N LYS A 261 -6.53 -0.04 18.76
CA LYS A 261 -5.98 -0.56 20.02
CA LYS A 261 -5.99 -0.64 20.00
C LYS A 261 -4.46 -0.71 19.95
N HIS A 262 -3.94 -1.03 18.78
CA HIS A 262 -2.50 -1.06 18.56
C HIS A 262 -1.87 0.31 18.42
N ARG A 263 -2.69 1.37 18.34
CA ARG A 263 -2.20 2.73 18.27
CA ARG A 263 -2.20 2.73 18.26
C ARG A 263 -1.35 2.96 17.01
N ILE A 264 -1.68 2.30 15.92
CA ILE A 264 -0.96 2.53 14.69
C ILE A 264 -1.09 4.03 14.32
N VAL A 265 -0.08 4.55 13.66
CA VAL A 265 0.00 5.99 13.43
C VAL A 265 -0.97 6.47 12.36
N TYR A 266 -1.27 5.65 11.38
CA TYR A 266 -2.30 5.99 10.39
C TYR A 266 -2.99 4.75 9.92
N LEU A 267 -4.20 4.95 9.42
CA LEU A 267 -5.00 3.96 8.71
C LEU A 267 -5.29 4.57 7.35
N HIS A 268 -4.99 3.79 6.31
CA HIS A 268 -5.11 4.22 4.91
C HIS A 268 -6.15 3.35 4.22
N ILE A 269 -7.20 3.98 3.74
CA ILE A 269 -8.29 3.31 3.07
C ILE A 269 -8.12 3.46 1.56
N ALA A 270 -7.99 2.33 0.87
CA ALA A 270 -7.93 2.30 -0.58
C ALA A 270 -9.38 2.20 -1.08
N GLU A 271 -9.95 3.35 -1.42
CA GLU A 271 -11.36 3.50 -1.72
C GLU A 271 -11.74 3.09 -3.12
N VAL A 272 -10.78 3.14 -4.04
CA VAL A 272 -10.93 2.74 -5.44
C VAL A 272 -9.74 1.89 -5.79
N ASP A 273 -9.94 0.84 -6.58
CA ASP A 273 -8.80 0.16 -7.16
CA ASP A 273 -8.93 -0.05 -7.13
C ASP A 273 -9.09 0.03 -8.65
N TRP A 274 -8.31 0.78 -9.41
CA TRP A 274 -8.47 0.92 -10.86
C TRP A 274 -9.86 1.50 -11.16
N ASP A 275 -10.74 0.70 -11.78
CA ASP A 275 -12.09 1.24 -12.03
CA ASP A 275 -12.10 1.04 -12.16
C ASP A 275 -13.12 0.56 -11.11
N ASP A 276 -12.70 -0.12 -10.08
CA ASP A 276 -13.57 -0.66 -9.03
C ASP A 276 -13.76 0.43 -7.98
N ALA A 277 -14.86 1.15 -8.11
CA ALA A 277 -15.15 2.35 -7.34
C ALA A 277 -16.52 2.20 -6.67
N PRO A 278 -16.60 1.29 -5.68
CA PRO A 278 -17.89 1.01 -5.06
C PRO A 278 -18.36 2.20 -4.24
N ASP A 279 -19.66 2.31 -4.05
CA ASP A 279 -20.26 3.31 -3.18
CA ASP A 279 -20.20 3.38 -3.21
C ASP A 279 -19.73 3.08 -1.79
N THR A 280 -19.15 4.10 -1.21
CA THR A 280 -18.57 4.02 0.13
C THR A 280 -19.30 5.03 0.96
N PRO A 281 -20.38 4.59 1.66
CA PRO A 281 -21.26 5.55 2.30
C PRO A 281 -20.57 6.45 3.29
N VAL A 282 -20.99 7.71 3.33
CA VAL A 282 -20.47 8.62 4.32
C VAL A 282 -20.71 8.10 5.71
N SER A 283 -21.84 7.47 5.99
CA SER A 283 -22.12 6.92 7.32
CA SER A 283 -22.08 6.97 7.36
C SER A 283 -21.05 5.92 7.73
N PHE A 284 -20.61 5.13 6.78
CA PHE A 284 -19.54 4.14 7.02
C PHE A 284 -18.22 4.84 7.26
N LYS A 285 -17.89 5.85 6.43
CA LYS A 285 -16.69 6.63 6.68
C LYS A 285 -16.72 7.24 8.07
N ARG A 286 -17.86 7.75 8.51
CA ARG A 286 -17.92 8.35 9.82
C ARG A 286 -17.74 7.29 10.92
N ALA A 287 -18.26 6.10 10.72
CA ALA A 287 -18.02 5.02 11.67
C ALA A 287 -16.53 4.68 11.75
N LEU A 288 -15.85 4.61 10.62
CA LEU A 288 -14.40 4.36 10.63
C LEU A 288 -13.67 5.44 11.38
N ARG A 289 -14.12 6.69 11.24
CA ARG A 289 -13.53 7.84 11.91
CA ARG A 289 -13.49 7.82 11.91
C ARG A 289 -13.67 7.74 13.44
N GLU A 290 -14.77 7.14 13.91
CA GLU A 290 -14.90 6.90 15.36
C GLU A 290 -14.11 5.67 15.81
N ALA A 291 -14.07 4.63 15.00
CA ALA A 291 -13.42 3.41 15.39
C ALA A 291 -11.90 3.58 15.47
N TYR A 292 -11.35 4.41 14.59
CA TYR A 292 -9.89 4.60 14.51
C TYR A 292 -9.62 6.09 14.67
N GLN A 293 -8.82 6.41 15.68
CA GLN A 293 -8.69 7.82 16.04
CA GLN A 293 -8.62 7.75 16.24
C GLN A 293 -7.31 8.41 15.83
N GLY A 294 -6.53 7.78 14.96
CA GLY A 294 -5.27 8.32 14.46
C GLY A 294 -5.46 9.06 13.16
N VAL A 295 -4.41 9.14 12.38
CA VAL A 295 -4.48 9.84 11.07
C VAL A 295 -5.15 8.93 10.07
N LEU A 296 -6.21 9.44 9.43
CA LEU A 296 -6.98 8.67 8.47
CA LEU A 296 -6.97 8.70 8.46
C LEU A 296 -6.70 9.21 7.08
N ILE A 297 -6.25 8.32 6.19
CA ILE A 297 -5.88 8.63 4.84
C ILE A 297 -6.83 7.90 3.90
N TYR A 298 -7.37 8.58 2.88
CA TYR A 298 -8.14 7.94 1.82
C TYR A 298 -7.46 8.20 0.49
N ALA A 299 -7.56 7.22 -0.41
CA ALA A 299 -7.15 7.42 -1.80
C ALA A 299 -8.14 6.71 -2.70
N GLY A 300 -8.38 7.31 -3.87
CA GLY A 300 -9.19 6.69 -4.91
C GLY A 300 -10.08 7.76 -5.56
N ARG A 301 -9.67 8.15 -6.77
CA ARG A 301 -10.44 9.09 -7.59
CA ARG A 301 -10.44 9.09 -7.58
C ARG A 301 -10.67 10.44 -6.90
N TYR A 302 -9.78 10.87 -6.05
CA TYR A 302 -9.89 12.22 -5.50
C TYR A 302 -9.33 13.22 -6.50
N ASN A 303 -9.96 14.40 -6.49
CA ASN A 303 -9.48 15.63 -7.08
C ASN A 303 -9.41 16.68 -5.98
N ALA A 304 -9.01 17.90 -6.33
CA ALA A 304 -8.83 18.89 -5.30
C ALA A 304 -10.11 19.15 -4.53
N GLU A 305 -11.23 19.27 -5.22
CA GLU A 305 -12.47 19.61 -4.53
CA GLU A 305 -12.50 19.56 -4.59
C GLU A 305 -12.91 18.46 -3.63
N LYS A 306 -12.89 17.23 -4.09
CA LYS A 306 -13.35 16.14 -3.24
CA LYS A 306 -13.29 16.09 -3.29
C LYS A 306 -12.40 15.90 -2.08
N ALA A 307 -11.09 16.14 -2.28
CA ALA A 307 -10.15 15.98 -1.19
C ALA A 307 -10.41 16.99 -0.09
N GLU A 308 -10.56 18.26 -0.49
CA GLU A 308 -10.86 19.30 0.49
C GLU A 308 -12.14 19.02 1.21
N GLN A 309 -13.18 18.58 0.48
CA GLN A 309 -14.46 18.30 1.11
C GLN A 309 -14.35 17.17 2.12
N ALA A 310 -13.62 16.12 1.81
CA ALA A 310 -13.49 14.98 2.71
C ALA A 310 -12.83 15.41 4.01
N ILE A 311 -11.81 16.28 3.92
CA ILE A 311 -11.16 16.77 5.11
C ILE A 311 -12.10 17.68 5.88
N ASN A 312 -12.76 18.63 5.21
CA ASN A 312 -13.61 19.56 5.93
C ASN A 312 -14.85 18.92 6.49
N ASP A 313 -15.31 17.82 5.93
CA ASP A 313 -16.44 17.08 6.45
C ASP A 313 -16.01 16.17 7.62
N GLY A 314 -14.75 16.13 7.98
CA GLY A 314 -14.30 15.33 9.09
C GLY A 314 -14.11 13.87 8.78
N LEU A 315 -14.02 13.50 7.52
CA LEU A 315 -13.93 12.10 7.12
C LEU A 315 -12.50 11.63 6.98
N ALA A 316 -11.60 12.49 6.61
CA ALA A 316 -10.22 12.15 6.34
C ALA A 316 -9.32 13.24 6.90
N ASP A 317 -8.10 12.86 7.25
CA ASP A 317 -7.08 13.82 7.58
C ASP A 317 -6.13 14.10 6.41
N MET A 318 -5.87 13.10 5.59
CA MET A 318 -4.99 13.20 4.45
C MET A 318 -5.63 12.48 3.27
N ILE A 319 -5.24 12.89 2.06
CA ILE A 319 -5.78 12.33 0.86
C ILE A 319 -4.63 11.96 -0.08
N GLY A 320 -4.67 10.71 -0.57
CA GLY A 320 -3.74 10.28 -1.55
C GLY A 320 -4.28 10.43 -2.96
N PHE A 321 -3.35 10.74 -3.88
CA PHE A 321 -3.64 10.89 -5.31
C PHE A 321 -2.68 9.96 -6.03
N GLY A 322 -3.18 8.89 -6.64
CA GLY A 322 -2.31 7.89 -7.24
C GLY A 322 -1.96 8.24 -8.67
N ARG A 323 -2.92 7.95 -9.56
CA ARG A 323 -2.70 8.23 -11.00
C ARG A 323 -2.27 9.65 -11.24
N PRO A 324 -2.85 10.68 -10.60
CA PRO A 324 -2.36 12.03 -10.90
C PRO A 324 -0.90 12.25 -10.51
N PHE A 325 -0.41 11.59 -9.46
CA PHE A 325 0.99 11.76 -9.11
C PHE A 325 1.95 11.12 -10.10
N ILE A 326 1.49 10.12 -10.86
CA ILE A 326 2.40 9.55 -11.84
CA ILE A 326 2.30 9.51 -11.90
C ILE A 326 2.79 10.61 -12.86
N ALA A 327 1.81 11.36 -13.34
CA ALA A 327 2.02 12.28 -14.44
C ALA A 327 2.32 13.71 -14.02
N ASN A 328 2.21 14.02 -12.75
CA ASN A 328 2.34 15.39 -12.25
C ASN A 328 3.27 15.36 -11.06
N PRO A 329 4.60 15.50 -11.29
CA PRO A 329 5.52 15.43 -10.16
C PRO A 329 5.26 16.52 -9.14
N ASP A 330 4.80 17.68 -9.63
CA ASP A 330 4.42 18.84 -8.89
C ASP A 330 2.93 18.89 -8.66
N LEU A 331 2.29 17.72 -8.41
CA LEU A 331 0.86 17.70 -8.20
C LEU A 331 0.42 18.66 -7.14
N PRO A 332 1.07 18.77 -5.98
CA PRO A 332 0.57 19.72 -4.95
C PRO A 332 0.45 21.15 -5.51
N GLU A 333 1.47 21.64 -6.16
CA GLU A 333 1.41 23.00 -6.73
C GLU A 333 0.29 23.14 -7.69
N ARG A 334 0.06 22.12 -8.53
CA ARG A 334 -1.01 22.18 -9.49
C ARG A 334 -2.36 22.21 -8.81
N LEU A 335 -2.57 21.37 -7.80
CA LEU A 335 -3.83 21.37 -7.08
C LEU A 335 -4.07 22.72 -6.42
N ARG A 336 -3.03 23.30 -5.85
CA ARG A 336 -3.18 24.56 -5.13
C ARG A 336 -3.57 25.69 -6.06
N HIS A 337 -2.98 25.74 -7.24
CA HIS A 337 -3.22 26.80 -8.21
C HIS A 337 -4.33 26.51 -9.19
N GLY A 338 -4.85 25.31 -9.25
CA GLY A 338 -5.76 24.91 -10.30
C GLY A 338 -5.10 24.86 -11.67
N TYR A 339 -3.83 24.51 -11.73
CA TYR A 339 -3.18 24.29 -12.99
C TYR A 339 -3.67 22.95 -13.56
N PRO A 340 -3.78 22.85 -14.89
CA PRO A 340 -4.25 21.59 -15.46
C PRO A 340 -3.26 20.47 -15.18
N LEU A 341 -3.85 19.29 -14.98
CA LEU A 341 -3.09 18.08 -14.71
C LEU A 341 -2.76 17.37 -16.00
N ALA A 342 -1.52 16.97 -16.17
CA ALA A 342 -1.18 16.01 -17.21
C ALA A 342 -1.82 14.69 -16.90
N GLU A 343 -2.03 13.85 -17.92
CA GLU A 343 -2.50 12.51 -17.77
CA GLU A 343 -2.50 12.50 -17.72
C GLU A 343 -1.39 11.51 -18.02
N HIS A 344 -1.43 10.39 -17.29
CA HIS A 344 -0.41 9.38 -17.42
C HIS A 344 -0.65 8.49 -18.64
N VAL A 345 0.43 7.84 -19.06
CA VAL A 345 0.44 6.88 -20.17
C VAL A 345 0.38 5.45 -19.61
N PRO A 346 -0.74 4.73 -19.76
CA PRO A 346 -0.79 3.37 -19.23
C PRO A 346 0.32 2.51 -19.66
N ALA A 347 0.77 2.61 -20.92
CA ALA A 347 1.78 1.71 -21.41
C ALA A 347 3.11 1.82 -20.73
N THR A 348 3.41 2.88 -19.99
CA THR A 348 4.69 3.03 -19.30
C THR A 348 4.52 3.00 -17.80
N LEU A 349 3.38 2.51 -17.30
CA LEU A 349 3.20 2.34 -15.86
C LEU A 349 4.21 1.34 -15.29
N PHE A 350 4.41 0.22 -15.99
CA PHE A 350 5.11 -0.92 -15.46
C PHE A 350 6.27 -1.31 -16.36
N GLY A 351 7.44 -1.50 -15.77
CA GLY A 351 8.59 -1.95 -16.56
C GLY A 351 9.23 -0.81 -17.32
N GLY A 352 10.25 -1.14 -18.07
CA GLY A 352 10.98 -0.12 -18.80
C GLY A 352 11.91 0.67 -17.93
N GLY A 353 12.17 1.88 -18.30
CA GLY A 353 13.17 2.74 -17.70
C GLY A 353 12.60 4.10 -17.36
N GLU A 354 13.43 5.14 -17.60
CA GLU A 354 13.05 6.45 -17.22
C GLU A 354 11.86 7.02 -17.95
N LYS A 355 11.64 6.57 -19.19
CA LYS A 355 10.52 7.10 -19.97
C LYS A 355 9.21 6.71 -19.31
N GLY A 356 8.38 7.72 -19.08
CA GLY A 356 7.15 7.50 -18.37
C GLY A 356 7.32 7.32 -16.88
N LEU A 357 8.48 7.65 -16.37
CA LEU A 357 8.79 7.58 -14.94
C LEU A 357 9.25 8.93 -14.45
N THR A 358 10.39 9.41 -14.96
CA THR A 358 11.03 10.61 -14.50
C THR A 358 10.98 11.77 -15.48
N ASP A 359 10.32 11.58 -16.63
CA ASP A 359 10.29 12.59 -17.69
C ASP A 359 8.95 13.24 -17.86
N TYR A 360 8.04 13.13 -16.88
CA TYR A 360 6.88 13.98 -16.83
C TYR A 360 7.31 15.34 -16.31
N PRO A 361 7.16 16.43 -17.03
CA PRO A 361 7.65 17.73 -16.52
C PRO A 361 6.81 18.34 -15.44
N THR A 362 7.43 19.25 -14.72
CA THR A 362 6.67 20.17 -13.90
C THR A 362 5.90 21.13 -14.79
N TYR A 363 4.90 21.77 -14.19
CA TYR A 363 4.01 22.64 -14.95
C TYR A 363 4.77 23.87 -15.41
N GLN A 364 4.54 24.23 -16.66
CA GLN A 364 5.09 25.49 -17.20
C GLN A 364 4.01 26.13 -18.05
N ALA A 365 3.58 27.31 -17.70
CA ALA A 365 2.61 27.96 -18.52
C ALA A 365 3.18 28.31 -19.89
#